data_6YQF
#
_entry.id   6YQF
#
_cell.length_a   42.670
_cell.length_b   59.680
_cell.length_c   156.490
_cell.angle_alpha   90.000
_cell.angle_beta   90.000
_cell.angle_gamma   90.000
#
_symmetry.space_group_name_H-M   'P 21 21 2'
#
loop_
_entity.id
_entity.type
_entity.pdbx_description
1 polymer 'Synaptonemal complex central element protein 2'
2 polymer 'Testis-expressed protein 12'
#
loop_
_entity_poly.entity_id
_entity_poly.type
_entity_poly.pdbx_seq_one_letter_code
_entity_poly.pdbx_strand_id
1 'polypeptide(L)'
;GSMGLYFSSLDSSIDILQKRAQELIENINKSRQKDHALMTNFRNSLKTKVSDLTEKLEERIYQIYNDHNKIIQEKLQEFT
QKMAKISHLETELKQVCHSVETVYKDLCLQPE
;
A,B
2 'polypeptide(L)' GSMGKDEALEKDLNDVSKEINLMLSTYAKLLSERAAVDASYIDEIDELFKEANAIENFLIQKREFLRQR C,D
#
# COMPACT_ATOMS: atom_id res chain seq x y z
N GLY A 4 -51.19 -28.99 34.80
CA GLY A 4 -51.68 -27.64 35.04
C GLY A 4 -50.58 -26.59 35.04
N LEU A 5 -50.06 -26.30 36.23
CA LEU A 5 -49.01 -25.29 36.35
C LEU A 5 -47.66 -25.83 35.88
N TYR A 6 -47.36 -27.08 36.21
CA TYR A 6 -46.03 -27.62 35.95
C TYR A 6 -45.79 -27.78 34.45
N PHE A 7 -46.74 -28.36 33.73
CA PHE A 7 -46.55 -28.62 32.31
C PHE A 7 -46.72 -27.37 31.44
N SER A 8 -47.34 -26.32 31.97
CA SER A 8 -47.47 -25.07 31.22
C SER A 8 -46.24 -24.18 31.41
N SER A 9 -45.68 -24.13 32.61
CA SER A 9 -44.45 -23.38 32.83
C SER A 9 -43.25 -24.01 32.15
N LEU A 10 -43.32 -25.33 31.85
CA LEU A 10 -42.24 -25.97 31.11
C LEU A 10 -42.36 -25.69 29.62
N ASP A 11 -43.57 -25.75 29.07
CA ASP A 11 -43.79 -25.36 27.68
C ASP A 11 -43.49 -23.89 27.46
N SER A 12 -43.59 -23.06 28.50
CA SER A 12 -43.26 -21.64 28.37
C SER A 12 -41.76 -21.43 28.24
N SER A 13 -40.99 -22.05 29.12
CA SER A 13 -39.53 -21.90 29.06
C SER A 13 -38.95 -22.50 27.79
N ILE A 14 -39.55 -23.58 27.28
CA ILE A 14 -39.09 -24.16 26.02
C ILE A 14 -39.38 -23.23 24.86
N ASP A 15 -40.59 -22.66 24.82
CA ASP A 15 -40.95 -21.74 23.75
C ASP A 15 -40.06 -20.50 23.76
N ILE A 16 -39.64 -20.06 24.94
CA ILE A 16 -38.70 -18.95 25.02
C ILE A 16 -37.36 -19.36 24.43
N LEU A 17 -36.87 -20.56 24.79
CA LEU A 17 -35.61 -21.04 24.24
C LEU A 17 -35.73 -21.32 22.75
N GLN A 18 -36.93 -21.64 22.26
CA GLN A 18 -37.14 -21.71 20.82
C GLN A 18 -36.90 -20.36 20.17
N LYS A 19 -37.50 -19.30 20.72
CA LYS A 19 -37.29 -17.97 20.17
C LYS A 19 -35.86 -17.49 20.38
N ARG A 20 -35.33 -17.69 21.59
CA ARG A 20 -33.94 -17.29 21.86
C ARG A 20 -32.96 -18.02 20.96
N ALA A 21 -33.33 -19.21 20.47
CA ALA A 21 -32.52 -19.87 19.46
C ALA A 21 -32.76 -19.27 18.08
N GLN A 22 -34.02 -18.97 17.75
CA GLN A 22 -34.32 -18.36 16.47
C GLN A 22 -33.82 -16.93 16.40
N GLU A 23 -33.96 -16.17 17.48
CA GLU A 23 -33.46 -14.79 17.50
C GLU A 23 -31.95 -14.74 17.38
N LEU A 24 -31.25 -15.72 17.96
CA LEU A 24 -29.78 -15.71 17.92
C LEU A 24 -29.27 -16.06 16.53
N ILE A 25 -29.95 -16.96 15.83
CA ILE A 25 -29.55 -17.31 14.47
C ILE A 25 -29.78 -16.13 13.53
N GLU A 26 -30.87 -15.39 13.72
CA GLU A 26 -31.14 -14.23 12.89
C GLU A 26 -30.12 -13.12 13.10
N ASN A 27 -29.60 -13.00 14.32
CA ASN A 27 -28.60 -11.98 14.59
C ASN A 27 -27.27 -12.30 13.93
N ILE A 28 -26.91 -13.59 13.86
CA ILE A 28 -25.68 -13.99 13.18
C ILE A 28 -25.76 -13.64 11.70
N ASN A 29 -26.89 -13.94 11.07
CA ASN A 29 -27.07 -13.57 9.67
C ASN A 29 -27.06 -12.06 9.49
N LYS A 30 -27.47 -11.32 10.53
CA LYS A 30 -27.42 -9.86 10.48
C LYS A 30 -26.11 -9.29 11.01
N SER A 31 -25.36 -10.05 11.81
CA SER A 31 -24.04 -9.60 12.22
C SER A 31 -23.05 -9.68 11.07
N ARG A 32 -23.00 -10.81 10.38
CA ARG A 32 -22.12 -10.97 9.24
C ARG A 32 -22.50 -10.04 8.08
N GLN A 33 -23.70 -9.47 8.09
CA GLN A 33 -24.00 -8.39 7.16
C GLN A 33 -23.09 -7.20 7.40
N LYS A 34 -23.11 -6.67 8.62
CA LYS A 34 -22.23 -5.55 8.97
C LYS A 34 -20.75 -5.94 8.96
N ASP A 35 -20.45 -7.23 9.11
CA ASP A 35 -19.05 -7.65 9.01
C ASP A 35 -18.54 -7.51 7.58
N HIS A 36 -19.38 -7.82 6.60
CA HIS A 36 -18.99 -7.74 5.20
C HIS A 36 -19.34 -6.39 4.57
N ALA A 37 -20.27 -5.65 5.16
CA ALA A 37 -20.63 -4.34 4.61
C ALA A 37 -19.64 -3.25 5.01
N LEU A 38 -18.95 -3.43 6.13
CA LEU A 38 -17.99 -2.43 6.59
C LEU A 38 -16.57 -2.72 6.09
N MET A 39 -16.11 -3.97 6.26
CA MET A 39 -14.75 -4.30 5.88
C MET A 39 -14.53 -4.10 4.39
N THR A 40 -15.51 -4.47 3.56
CA THR A 40 -15.40 -4.20 2.13
C THR A 40 -15.49 -2.72 1.81
N ASN A 41 -16.08 -1.92 2.70
CA ASN A 41 -16.05 -0.47 2.56
C ASN A 41 -14.76 0.14 3.10
N PHE A 42 -13.92 -0.65 3.78
CA PHE A 42 -12.58 -0.22 4.14
C PHE A 42 -11.51 -0.80 3.22
N ARG A 43 -11.75 -1.99 2.66
CA ARG A 43 -10.81 -2.54 1.69
C ARG A 43 -10.77 -1.69 0.43
N ASN A 44 -11.93 -1.46 -0.19
CA ASN A 44 -12.01 -0.62 -1.38
C ASN A 44 -11.71 0.84 -1.08
N SER A 45 -11.78 1.24 0.19
CA SER A 45 -11.44 2.61 0.55
C SER A 45 -9.93 2.81 0.60
N LEU A 46 -9.21 1.90 1.25
CA LEU A 46 -7.76 2.00 1.37
C LEU A 46 -7.07 1.82 0.02
N LYS A 47 -7.68 1.11 -0.92
CA LYS A 47 -7.08 0.96 -2.24
C LYS A 47 -7.03 2.29 -2.97
N THR A 48 -8.11 3.08 -2.91
CA THR A 48 -8.13 4.37 -3.60
C THR A 48 -7.27 5.42 -2.90
N LYS A 49 -6.98 5.24 -1.61
CA LYS A 49 -6.17 6.22 -0.91
C LYS A 49 -4.69 6.03 -1.22
N VAL A 50 -4.20 4.79 -1.18
CA VAL A 50 -2.81 4.53 -1.49
C VAL A 50 -2.51 4.86 -2.95
N SER A 51 -3.44 4.58 -3.84
CA SER A 51 -3.25 4.93 -5.25
C SER A 51 -3.23 6.43 -5.46
N ASP A 52 -3.97 7.18 -4.64
CA ASP A 52 -3.92 8.63 -4.70
C ASP A 52 -2.66 9.20 -4.04
N LEU A 53 -2.01 8.43 -3.16
CA LEU A 53 -0.74 8.86 -2.60
C LEU A 53 0.40 8.67 -3.59
N THR A 54 0.34 7.62 -4.42
CA THR A 54 1.38 7.42 -5.42
C THR A 54 1.25 8.43 -6.56
N GLU A 55 0.01 8.74 -6.96
CA GLU A 55 -0.19 9.73 -8.01
C GLU A 55 0.31 11.10 -7.60
N LYS A 56 0.23 11.43 -6.30
CA LYS A 56 0.82 12.67 -5.83
C LYS A 56 2.34 12.62 -5.90
N LEU A 57 2.93 11.46 -5.58
CA LEU A 57 4.38 11.33 -5.68
C LEU A 57 4.85 11.33 -7.13
N GLU A 58 4.13 10.62 -8.01
CA GLU A 58 4.51 10.56 -9.41
C GLU A 58 4.41 11.92 -10.10
N GLU A 59 3.59 12.83 -9.58
CA GLU A 59 3.56 14.18 -10.10
C GLU A 59 4.73 15.01 -9.57
N ARG A 60 5.10 14.79 -8.30
CA ARG A 60 6.26 15.48 -7.75
C ARG A 60 7.55 15.04 -8.43
N ILE A 61 7.62 13.78 -8.85
CA ILE A 61 8.78 13.31 -9.60
C ILE A 61 8.83 13.97 -10.97
N TYR A 62 7.66 14.16 -11.60
CA TYR A 62 7.62 14.83 -12.89
C TYR A 62 8.10 16.27 -12.77
N GLN A 63 7.78 16.94 -11.66
CA GLN A 63 8.24 18.31 -11.46
C GLN A 63 9.77 18.39 -11.42
N ILE A 64 10.43 17.32 -10.98
CA ILE A 64 11.89 17.31 -10.96
C ILE A 64 12.44 17.26 -12.37
N TYR A 65 12.00 16.30 -13.17
CA TYR A 65 12.53 16.13 -14.51
C TYR A 65 12.00 17.16 -15.50
N ASN A 66 10.83 17.76 -15.22
CA ASN A 66 10.31 18.79 -16.11
C ASN A 66 11.15 20.05 -16.04
N ASP A 67 11.66 20.39 -14.86
CA ASP A 67 12.48 21.56 -14.68
C ASP A 67 13.98 21.27 -14.76
N HIS A 68 14.38 20.00 -14.67
CA HIS A 68 15.78 19.66 -14.92
C HIS A 68 16.07 19.66 -16.41
N ASN A 69 15.15 19.15 -17.23
CA ASN A 69 15.30 19.26 -18.68
C ASN A 69 15.22 20.72 -19.12
N LYS A 70 14.38 21.51 -18.46
CA LYS A 70 14.23 22.91 -18.83
C LYS A 70 15.51 23.69 -18.57
N ILE A 71 16.17 23.43 -17.43
CA ILE A 71 17.39 24.16 -17.10
C ILE A 71 18.53 23.76 -18.03
N ILE A 72 18.67 22.47 -18.31
CA ILE A 72 19.75 22.01 -19.19
C ILE A 72 19.50 22.45 -20.62
N GLN A 73 18.25 22.36 -21.08
CA GLN A 73 17.93 22.78 -22.44
C GLN A 73 18.19 24.27 -22.64
N GLU A 74 17.99 25.08 -21.61
CA GLU A 74 18.18 26.52 -21.75
C GLU A 74 19.64 26.93 -21.61
N LYS A 75 20.41 26.20 -20.79
CA LYS A 75 21.84 26.51 -20.65
C LYS A 75 22.61 26.07 -21.88
N LEU A 76 22.39 24.83 -22.34
CA LEU A 76 23.07 24.35 -23.54
C LEU A 76 22.67 25.17 -24.77
N GLN A 77 21.46 25.71 -24.80
CA GLN A 77 21.07 26.59 -25.88
C GLN A 77 21.86 27.90 -25.83
N GLU A 78 22.13 28.40 -24.62
CA GLU A 78 23.00 29.56 -24.48
C GLU A 78 24.46 29.18 -24.71
N PHE A 79 24.85 27.97 -24.31
CA PHE A 79 26.22 27.50 -24.53
C PHE A 79 26.52 27.37 -26.02
N THR A 80 25.51 27.08 -26.84
CA THR A 80 25.74 26.95 -28.27
C THR A 80 25.90 28.31 -28.94
N GLN A 81 25.12 29.30 -28.50
CA GLN A 81 25.31 30.65 -29.00
C GLN A 81 26.69 31.19 -28.63
N LYS A 82 27.26 30.71 -27.52
CA LYS A 82 28.60 31.14 -27.13
C LYS A 82 29.66 30.51 -28.02
N MET A 83 29.55 29.20 -28.29
CA MET A 83 30.51 28.54 -29.17
C MET A 83 30.39 29.02 -30.62
N ALA A 84 29.23 29.55 -31.01
CA ALA A 84 29.10 30.12 -32.34
C ALA A 84 29.85 31.43 -32.46
N LYS A 85 29.77 32.29 -31.44
CA LYS A 85 30.45 33.58 -31.48
C LYS A 85 31.95 33.46 -31.25
N ILE A 86 32.42 32.33 -30.74
CA ILE A 86 33.85 32.10 -30.58
C ILE A 86 34.46 31.53 -31.86
N SER A 87 33.80 30.54 -32.46
CA SER A 87 34.25 30.05 -33.76
C SER A 87 34.17 31.15 -34.82
N HIS A 88 33.31 32.13 -34.62
CA HIS A 88 33.23 33.26 -35.54
C HIS A 88 34.45 34.16 -35.43
N LEU A 89 34.88 34.46 -34.20
CA LEU A 89 36.00 35.38 -34.03
C LEU A 89 37.34 34.75 -34.38
N GLU A 90 37.48 33.43 -34.21
CA GLU A 90 38.74 32.79 -34.52
C GLU A 90 39.02 32.83 -36.03
N THR A 91 38.00 32.58 -36.85
CA THR A 91 38.18 32.68 -38.30
C THR A 91 38.46 34.12 -38.72
N GLU A 92 38.00 35.11 -37.94
CA GLU A 92 38.33 36.49 -38.22
C GLU A 92 39.82 36.75 -38.04
N LEU A 93 40.45 36.07 -37.07
CA LEU A 93 41.87 36.25 -36.81
C LEU A 93 42.76 35.35 -37.67
N LYS A 94 42.19 34.32 -38.29
CA LYS A 94 42.96 33.43 -39.14
C LYS A 94 43.08 33.94 -40.57
N GLN A 95 42.25 34.91 -40.96
CA GLN A 95 42.31 35.49 -42.29
C GLN A 95 43.02 36.84 -42.33
N VAL A 96 42.92 37.63 -41.26
CA VAL A 96 43.60 38.93 -41.22
C VAL A 96 45.10 38.73 -41.04
N CYS A 97 45.49 37.95 -40.04
CA CYS A 97 46.90 37.68 -39.78
C CYS A 97 47.48 36.76 -40.83
N SER B 8 46.46 26.49 -34.13
CA SER B 8 45.46 25.42 -34.05
C SER B 8 45.16 25.06 -32.61
N SER B 9 45.72 25.84 -31.67
CA SER B 9 45.46 25.58 -30.25
C SER B 9 44.00 25.85 -29.90
N LEU B 10 43.44 26.94 -30.43
CA LEU B 10 42.03 27.20 -30.22
C LEU B 10 41.15 26.21 -30.96
N ASP B 11 41.61 25.71 -32.11
CA ASP B 11 40.88 24.66 -32.81
C ASP B 11 40.87 23.35 -32.05
N SER B 12 41.76 23.19 -31.06
CA SER B 12 41.78 21.99 -30.22
C SER B 12 40.84 22.11 -29.04
N SER B 13 40.91 23.22 -28.30
CA SER B 13 40.03 23.40 -27.14
C SER B 13 38.57 23.53 -27.56
N ILE B 14 38.31 24.28 -28.64
CA ILE B 14 36.94 24.42 -29.13
C ILE B 14 36.41 23.06 -29.58
N ASP B 15 37.27 22.24 -30.17
CA ASP B 15 36.85 20.88 -30.55
C ASP B 15 36.46 20.06 -29.32
N ILE B 16 37.24 20.17 -28.24
CA ILE B 16 36.91 19.44 -27.03
C ILE B 16 35.64 19.98 -26.38
N LEU B 17 35.44 21.30 -26.46
CA LEU B 17 34.22 21.88 -25.90
C LEU B 17 32.99 21.44 -26.68
N GLN B 18 33.06 21.49 -28.01
CA GLN B 18 31.92 21.11 -28.84
C GLN B 18 31.66 19.61 -28.80
N LYS B 19 32.68 18.80 -28.52
CA LYS B 19 32.48 17.35 -28.47
C LYS B 19 32.01 16.89 -27.10
N ARG B 20 32.55 17.46 -26.02
CA ARG B 20 32.06 17.13 -24.69
C ARG B 20 30.62 17.55 -24.49
N ALA B 21 30.15 18.54 -25.26
CA ALA B 21 28.72 18.85 -25.27
C ALA B 21 27.93 17.75 -25.96
N GLN B 22 28.48 17.19 -27.05
CA GLN B 22 27.82 16.06 -27.71
C GLN B 22 27.88 14.81 -26.85
N GLU B 23 28.97 14.63 -26.11
CA GLU B 23 29.07 13.48 -25.23
C GLU B 23 28.17 13.64 -24.00
N LEU B 24 27.94 14.88 -23.56
CA LEU B 24 27.09 15.10 -22.40
C LEU B 24 25.62 14.89 -22.74
N ILE B 25 25.21 15.27 -23.95
CA ILE B 25 23.82 15.07 -24.36
C ILE B 25 23.52 13.58 -24.48
N GLU B 26 24.47 12.80 -25.02
CA GLU B 26 24.27 11.37 -25.12
C GLU B 26 24.25 10.70 -23.76
N ASN B 27 24.90 11.30 -22.76
CA ASN B 27 24.88 10.73 -21.41
C ASN B 27 23.59 11.07 -20.69
N ILE B 28 23.03 12.25 -20.92
CA ILE B 28 21.75 12.61 -20.30
C ILE B 28 20.65 11.70 -20.83
N ASN B 29 20.73 11.31 -22.10
CA ASN B 29 19.77 10.35 -22.63
C ASN B 29 19.91 8.98 -21.97
N LYS B 30 21.12 8.62 -21.55
CA LYS B 30 21.32 7.35 -20.87
C LYS B 30 20.74 7.40 -19.46
N SER B 31 20.85 8.55 -18.79
CA SER B 31 20.31 8.66 -17.43
C SER B 31 18.79 8.64 -17.44
N ARG B 32 18.16 9.31 -18.40
CA ARG B 32 16.71 9.32 -18.47
C ARG B 32 16.15 7.95 -18.84
N GLN B 33 16.92 7.14 -19.58
CA GLN B 33 16.49 5.79 -19.86
C GLN B 33 16.69 4.87 -18.66
N LYS B 34 17.71 5.13 -17.84
CA LYS B 34 17.89 4.37 -16.61
C LYS B 34 16.84 4.74 -15.57
N ASP B 35 16.44 6.01 -15.54
CA ASP B 35 15.40 6.44 -14.59
C ASP B 35 14.08 5.77 -14.90
N HIS B 36 13.77 5.59 -16.19
CA HIS B 36 12.52 4.92 -16.56
C HIS B 36 12.57 3.44 -16.20
N ALA B 37 13.75 2.82 -16.31
CA ALA B 37 13.88 1.42 -15.92
C ALA B 37 13.70 1.24 -14.42
N LEU B 38 14.23 2.18 -13.63
CA LEU B 38 14.11 2.09 -12.17
C LEU B 38 12.65 2.24 -11.74
N MET B 39 11.91 3.14 -12.39
CA MET B 39 10.52 3.35 -11.99
C MET B 39 9.64 2.16 -12.35
N THR B 40 9.85 1.57 -13.53
CA THR B 40 9.07 0.40 -13.90
C THR B 40 9.36 -0.77 -12.98
N ASN B 41 10.62 -0.91 -12.55
CA ASN B 41 10.96 -1.95 -11.57
C ASN B 41 10.49 -1.58 -10.17
N PHE B 42 10.39 -0.29 -9.87
CA PHE B 42 9.81 0.13 -8.60
C PHE B 42 8.30 -0.02 -8.57
N ARG B 43 7.67 -0.16 -9.74
CA ARG B 43 6.24 -0.45 -9.80
C ARG B 43 5.97 -1.95 -9.79
N ASN B 44 6.84 -2.74 -10.43
CA ASN B 44 6.68 -4.19 -10.40
C ASN B 44 6.84 -4.74 -8.99
N SER B 45 7.78 -4.18 -8.22
CA SER B 45 8.02 -4.66 -6.87
C SER B 45 6.85 -4.32 -5.96
N LEU B 46 6.24 -3.16 -6.13
CA LEU B 46 5.13 -2.74 -5.28
C LEU B 46 3.77 -3.14 -5.83
N LYS B 47 3.71 -3.75 -7.02
CA LYS B 47 2.48 -4.35 -7.51
C LYS B 47 2.40 -5.85 -7.24
N THR B 48 3.54 -6.50 -7.02
CA THR B 48 3.54 -7.90 -6.59
C THR B 48 3.61 -8.05 -5.08
N LYS B 49 4.12 -7.03 -4.36
CA LYS B 49 4.15 -7.09 -2.91
C LYS B 49 2.77 -6.83 -2.32
N VAL B 50 2.20 -5.65 -2.60
CA VAL B 50 0.92 -5.29 -1.99
C VAL B 50 -0.18 -6.27 -2.41
N SER B 51 -0.04 -6.89 -3.59
CA SER B 51 -0.99 -7.91 -4.01
C SER B 51 -0.89 -9.14 -3.12
N ASP B 52 0.33 -9.60 -2.87
CA ASP B 52 0.55 -10.78 -2.03
C ASP B 52 0.27 -10.52 -0.55
N LEU B 53 -0.05 -9.27 -0.17
CA LEU B 53 -0.41 -8.96 1.20
C LEU B 53 -1.91 -8.80 1.40
N THR B 54 -2.68 -8.73 0.32
CA THR B 54 -4.14 -8.81 0.42
C THR B 54 -4.63 -10.24 0.36
N GLU B 55 -3.87 -11.13 -0.29
CA GLU B 55 -4.22 -12.55 -0.29
C GLU B 55 -4.00 -13.17 1.08
N LYS B 56 -2.82 -12.95 1.67
CA LYS B 56 -2.51 -13.52 2.97
C LYS B 56 -3.27 -12.84 4.10
N LEU B 57 -4.01 -11.77 3.82
CA LEU B 57 -4.90 -11.17 4.80
C LEU B 57 -6.38 -11.41 4.51
N GLU B 58 -6.71 -11.99 3.36
CA GLU B 58 -8.07 -12.42 3.10
C GLU B 58 -8.28 -13.89 3.46
N GLU B 59 -7.28 -14.74 3.21
CA GLU B 59 -7.44 -16.16 3.49
C GLU B 59 -7.44 -16.44 4.99
N ARG B 60 -6.70 -15.65 5.78
CA ARG B 60 -6.73 -15.84 7.22
C ARG B 60 -8.07 -15.41 7.81
N ILE B 61 -8.62 -14.31 7.31
CA ILE B 61 -9.96 -13.89 7.74
C ILE B 61 -11.00 -14.92 7.32
N TYR B 62 -10.84 -15.48 6.12
CA TYR B 62 -11.76 -16.51 5.66
C TYR B 62 -11.64 -17.78 6.50
N GLN B 63 -10.41 -18.18 6.83
CA GLN B 63 -10.24 -19.40 7.61
C GLN B 63 -10.63 -19.22 9.07
N ILE B 64 -10.46 -18.01 9.60
CA ILE B 64 -10.92 -17.75 10.97
C ILE B 64 -12.44 -17.88 11.04
N TYR B 65 -13.16 -17.29 10.08
CA TYR B 65 -14.59 -17.48 10.02
C TYR B 65 -14.96 -18.89 9.59
N ASN B 66 -14.07 -19.59 8.90
CA ASN B 66 -14.33 -20.98 8.54
C ASN B 66 -14.30 -21.88 9.77
N ASP B 67 -13.37 -21.63 10.69
CA ASP B 67 -13.31 -22.43 11.91
C ASP B 67 -14.47 -22.12 12.85
N HIS B 68 -14.94 -20.87 12.87
CA HIS B 68 -16.05 -20.52 13.75
C HIS B 68 -17.36 -21.09 13.24
N ASN B 69 -17.57 -21.08 11.92
CA ASN B 69 -18.81 -21.62 11.37
C ASN B 69 -18.93 -23.12 11.62
N LYS B 70 -17.80 -23.81 11.78
CA LYS B 70 -17.85 -25.22 12.14
C LYS B 70 -18.26 -25.39 13.60
N ILE B 71 -17.73 -24.56 14.49
CA ILE B 71 -18.07 -24.66 15.90
C ILE B 71 -19.50 -24.19 16.14
N ILE B 72 -19.93 -23.15 15.42
CA ILE B 72 -21.30 -22.66 15.57
C ILE B 72 -22.29 -23.73 15.12
N GLN B 73 -21.99 -24.42 14.02
CA GLN B 73 -22.85 -25.51 13.57
C GLN B 73 -22.70 -26.78 14.41
N GLU B 74 -21.70 -26.83 15.30
CA GLU B 74 -21.55 -27.96 16.21
C GLU B 74 -22.34 -27.77 17.49
N LYS B 75 -22.29 -26.57 18.08
CA LYS B 75 -23.00 -26.33 19.33
C LYS B 75 -24.50 -26.19 19.08
N LEU B 76 -24.89 -25.48 18.02
CA LEU B 76 -26.32 -25.31 17.73
C LEU B 76 -26.97 -26.64 17.38
N GLN B 77 -26.28 -27.49 16.62
CA GLN B 77 -26.82 -28.80 16.30
C GLN B 77 -26.90 -29.68 17.53
N GLU B 78 -25.95 -29.54 18.45
CA GLU B 78 -26.03 -30.26 19.72
C GLU B 78 -27.08 -29.66 20.64
N PHE B 79 -27.31 -28.34 20.53
CA PHE B 79 -28.35 -27.70 21.33
C PHE B 79 -29.74 -28.21 20.94
N THR B 80 -29.99 -28.41 19.65
CA THR B 80 -31.27 -28.93 19.21
C THR B 80 -31.47 -30.37 19.65
N GLN B 81 -30.39 -31.16 19.69
CA GLN B 81 -30.50 -32.53 20.16
C GLN B 81 -30.90 -32.60 21.63
N LYS B 82 -30.43 -31.64 22.44
CA LYS B 82 -30.81 -31.62 23.84
C LYS B 82 -32.22 -31.10 24.05
N MET B 83 -32.68 -30.17 23.21
CA MET B 83 -34.05 -29.69 23.32
C MET B 83 -35.06 -30.76 22.92
N ALA B 84 -34.69 -31.62 21.96
CA ALA B 84 -35.58 -32.72 21.59
C ALA B 84 -35.72 -33.73 22.73
N LYS B 85 -34.65 -33.94 23.50
CA LYS B 85 -34.73 -34.82 24.65
C LYS B 85 -35.57 -34.22 25.77
N ILE B 86 -35.55 -32.89 25.91
CA ILE B 86 -36.38 -32.23 26.90
C ILE B 86 -37.86 -32.39 26.55
N SER B 87 -38.21 -32.15 25.29
CA SER B 87 -39.58 -32.36 24.85
C SER B 87 -39.97 -33.83 24.90
N HIS B 88 -39.00 -34.73 24.69
CA HIS B 88 -39.28 -36.16 24.80
C HIS B 88 -39.64 -36.54 26.23
N LEU B 89 -38.88 -36.03 27.20
CA LEU B 89 -39.15 -36.37 28.59
C LEU B 89 -40.41 -35.68 29.11
N GLU B 90 -40.74 -34.49 28.57
CA GLU B 90 -41.94 -33.80 29.02
C GLU B 90 -43.20 -34.55 28.58
N THR B 91 -43.21 -35.05 27.34
CA THR B 91 -44.37 -35.81 26.88
C THR B 91 -44.53 -37.10 27.66
N GLU B 92 -43.42 -37.73 28.05
CA GLU B 92 -43.49 -38.93 28.88
C GLU B 92 -44.08 -38.62 30.26
N LEU B 93 -43.95 -37.37 30.72
CA LEU B 93 -44.54 -36.99 31.99
C LEU B 93 -46.00 -36.59 31.85
N LYS B 94 -46.39 -36.06 30.68
CA LYS B 94 -47.81 -35.78 30.44
C LYS B 94 -48.63 -37.05 30.30
N GLN B 95 -48.01 -38.17 29.93
CA GLN B 95 -48.74 -39.40 29.71
C GLN B 95 -48.96 -40.16 31.02
N VAL B 96 -47.95 -40.20 31.89
CA VAL B 96 -48.10 -40.86 33.18
C VAL B 96 -49.18 -40.16 34.01
N CYS B 97 -49.27 -38.84 33.89
CA CYS B 97 -50.29 -38.07 34.59
C CYS B 97 -51.58 -38.03 33.78
N GLU C 7 -1.99 -14.27 16.25
CA GLU C 7 -0.84 -15.14 16.39
C GLU C 7 -0.14 -15.34 15.05
N ALA C 8 -0.87 -15.92 14.08
CA ALA C 8 -0.31 -16.11 12.75
C ALA C 8 -0.30 -14.82 11.95
N LEU C 9 -1.27 -13.93 12.18
CA LEU C 9 -1.32 -12.66 11.46
C LEU C 9 -0.25 -11.69 11.93
N GLU C 10 0.47 -12.00 13.02
CA GLU C 10 1.49 -11.09 13.51
C GLU C 10 2.74 -11.14 12.63
N LYS C 11 3.29 -12.34 12.44
CA LYS C 11 4.54 -12.49 11.72
C LYS C 11 4.38 -12.34 10.22
N ASP C 12 3.16 -12.50 9.69
CA ASP C 12 2.90 -12.10 8.32
C ASP C 12 2.95 -10.59 8.17
N LEU C 13 2.33 -9.86 9.10
CA LEU C 13 2.33 -8.40 9.06
C LEU C 13 3.63 -7.80 9.56
N ASN C 14 4.36 -8.52 10.44
CA ASN C 14 5.67 -8.04 10.84
C ASN C 14 6.64 -8.04 9.67
N ASP C 15 6.44 -8.93 8.70
CA ASP C 15 7.21 -8.91 7.46
C ASP C 15 6.54 -8.07 6.38
N VAL C 16 5.55 -7.25 6.74
CA VAL C 16 4.92 -6.34 5.79
C VAL C 16 5.55 -4.96 5.96
N SER C 17 5.46 -4.42 7.17
CA SER C 17 6.09 -3.13 7.46
C SER C 17 7.59 -3.18 7.22
N LYS C 18 8.22 -4.33 7.48
CA LYS C 18 9.65 -4.46 7.27
C LYS C 18 10.01 -4.46 5.78
N GLU C 19 9.06 -4.78 4.91
CA GLU C 19 9.33 -4.68 3.47
C GLU C 19 9.20 -3.25 2.99
N ILE C 20 8.06 -2.61 3.28
CA ILE C 20 7.78 -1.28 2.74
C ILE C 20 8.73 -0.25 3.33
N ASN C 21 8.95 -0.30 4.65
CA ASN C 21 9.90 0.61 5.27
C ASN C 21 11.33 0.38 4.77
N LEU C 22 11.62 -0.82 4.29
CA LEU C 22 12.88 -1.06 3.59
C LEU C 22 12.78 -0.66 2.12
N MET C 23 11.63 -0.92 1.49
CA MET C 23 11.46 -0.61 0.08
C MET C 23 11.55 0.89 -0.17
N LEU C 24 10.72 1.66 0.54
CA LEU C 24 10.71 3.11 0.35
C LEU C 24 11.99 3.77 0.84
N SER C 25 12.72 3.13 1.77
CA SER C 25 13.98 3.70 2.22
C SER C 25 15.05 3.59 1.14
N THR C 26 15.07 2.48 0.41
CA THR C 26 16.00 2.35 -0.71
C THR C 26 15.61 3.30 -1.84
N TYR C 27 14.31 3.48 -2.06
CA TYR C 27 13.86 4.41 -3.10
C TYR C 27 14.18 5.87 -2.72
N ALA C 28 14.15 6.18 -1.43
CA ALA C 28 14.54 7.51 -0.99
C ALA C 28 16.02 7.76 -1.25
N LYS C 29 16.86 6.75 -1.03
CA LYS C 29 18.28 6.90 -1.33
C LYS C 29 18.54 6.81 -2.83
N LEU C 30 17.67 6.14 -3.58
CA LEU C 30 17.84 6.05 -5.02
C LEU C 30 17.72 7.42 -5.68
N LEU C 31 16.67 8.16 -5.34
CA LEU C 31 16.48 9.48 -5.93
C LEU C 31 17.52 10.48 -5.44
N SER C 32 18.09 10.25 -4.25
CA SER C 32 19.19 11.11 -3.80
C SER C 32 20.44 10.90 -4.65
N GLU C 33 20.58 9.73 -5.27
CA GLU C 33 21.68 9.47 -6.18
C GLU C 33 21.36 9.90 -7.62
N ARG C 34 20.12 9.68 -8.06
CA ARG C 34 19.74 10.10 -9.39
C ARG C 34 19.71 11.62 -9.53
N ALA C 35 19.35 12.33 -8.45
CA ALA C 35 19.46 13.79 -8.46
C ALA C 35 20.91 14.23 -8.48
N ALA C 36 21.81 13.39 -7.93
CA ALA C 36 23.24 13.73 -7.98
C ALA C 36 23.79 13.61 -9.38
N VAL C 37 23.32 12.63 -10.15
CA VAL C 37 23.78 12.46 -11.52
C VAL C 37 23.39 13.66 -12.38
N ASP C 38 22.15 14.13 -12.24
CA ASP C 38 21.72 15.31 -12.97
C ASP C 38 22.42 16.57 -12.45
N ALA C 39 22.73 16.61 -11.15
CA ALA C 39 23.46 17.75 -10.60
C ALA C 39 24.89 17.79 -11.11
N SER C 40 25.48 16.63 -11.40
CA SER C 40 26.82 16.60 -11.99
C SER C 40 26.81 16.99 -13.46
N TYR C 41 25.70 16.73 -14.16
CA TYR C 41 25.60 17.12 -15.56
C TYR C 41 25.36 18.62 -15.71
N ILE C 42 24.57 19.21 -14.80
CA ILE C 42 24.34 20.66 -14.84
C ILE C 42 25.64 21.40 -14.56
N ASP C 43 26.38 20.96 -13.53
CA ASP C 43 27.67 21.55 -13.24
C ASP C 43 28.67 21.30 -14.37
N GLU C 44 28.51 20.19 -15.09
CA GLU C 44 29.35 19.94 -16.26
C GLU C 44 29.09 20.97 -17.35
N ILE C 45 27.85 21.45 -17.47
CA ILE C 45 27.53 22.49 -18.46
C ILE C 45 28.19 23.81 -18.06
N ASP C 46 28.05 24.19 -16.79
CA ASP C 46 28.61 25.46 -16.34
C ASP C 46 30.13 25.49 -16.46
N GLU C 47 30.78 24.35 -16.26
CA GLU C 47 32.22 24.29 -16.49
C GLU C 47 32.54 24.46 -17.97
N LEU C 48 31.75 23.84 -18.85
CA LEU C 48 31.95 24.03 -20.28
C LEU C 48 31.62 25.46 -20.70
N PHE C 49 30.69 26.11 -20.01
CA PHE C 49 30.36 27.49 -20.32
C PHE C 49 31.43 28.46 -19.83
N LYS C 50 32.09 28.12 -18.71
CA LYS C 50 33.20 28.96 -18.24
C LYS C 50 34.39 28.88 -19.18
N GLU C 51 34.67 27.69 -19.72
CA GLU C 51 35.75 27.55 -20.69
C GLU C 51 35.49 28.41 -21.92
N ALA C 52 34.24 28.47 -22.36
CA ALA C 52 33.91 29.29 -23.52
C ALA C 52 33.95 30.77 -23.19
N ASN C 53 33.46 31.15 -22.01
CA ASN C 53 33.51 32.56 -21.62
C ASN C 53 34.94 33.03 -21.43
N ALA C 54 35.84 32.14 -21.03
CA ALA C 54 37.25 32.50 -20.94
C ALA C 54 37.83 32.78 -22.32
N ILE C 55 37.55 31.89 -23.28
CA ILE C 55 38.03 32.09 -24.64
C ILE C 55 37.33 33.27 -25.29
N GLU C 56 36.08 33.54 -24.89
CA GLU C 56 35.35 34.69 -25.43
C GLU C 56 36.08 35.99 -25.12
N ASN C 57 36.47 36.19 -23.87
CA ASN C 57 37.20 37.40 -23.50
C ASN C 57 38.64 37.38 -23.99
N PHE C 58 39.15 36.21 -24.38
CA PHE C 58 40.49 36.14 -24.96
C PHE C 58 40.50 36.59 -26.42
N LEU C 59 39.37 36.47 -27.11
CA LEU C 59 39.29 36.84 -28.52
C LEU C 59 38.80 38.27 -28.72
N ILE C 60 37.89 38.75 -27.86
CA ILE C 60 37.39 40.12 -27.99
C ILE C 60 38.49 41.11 -27.65
N GLN C 61 39.32 40.80 -26.65
CA GLN C 61 40.43 41.66 -26.29
C GLN C 61 41.59 41.56 -27.25
N LYS C 62 41.60 40.57 -28.14
CA LYS C 62 42.58 40.51 -29.22
C LYS C 62 42.08 41.17 -30.50
N ARG C 63 40.78 41.10 -30.77
CA ARG C 63 40.22 41.82 -31.91
C ARG C 63 40.30 43.32 -31.69
N GLU C 64 39.95 43.79 -30.50
CA GLU C 64 40.08 45.21 -30.19
C GLU C 64 41.54 45.64 -30.10
N PHE C 65 42.47 44.69 -29.91
CA PHE C 65 43.88 45.02 -29.99
C PHE C 65 44.29 45.34 -31.43
N LEU C 66 43.81 44.55 -32.40
CA LEU C 66 44.10 44.82 -33.80
C LEU C 66 43.19 45.91 -34.34
N ARG C 67 41.89 45.80 -34.12
CA ARG C 67 40.92 46.79 -34.58
C ARG C 67 40.84 47.96 -33.59
N ASN D 14 9.48 9.28 3.59
CA ASN D 14 9.15 8.16 4.45
C ASN D 14 7.79 8.38 5.14
N ASP D 15 7.09 9.43 4.73
CA ASP D 15 5.77 9.70 5.28
C ASP D 15 4.72 8.78 4.68
N VAL D 16 4.93 8.31 3.45
CA VAL D 16 4.00 7.36 2.84
C VAL D 16 4.07 6.02 3.57
N SER D 17 5.27 5.59 3.97
CA SER D 17 5.40 4.37 4.74
C SER D 17 4.72 4.49 6.10
N LYS D 18 4.58 5.71 6.61
CA LYS D 18 3.86 5.91 7.87
C LYS D 18 2.37 5.64 7.70
N GLU D 19 1.74 6.31 6.74
CA GLU D 19 0.30 6.15 6.54
C GLU D 19 -0.05 4.74 6.10
N ILE D 20 0.84 4.06 5.38
CA ILE D 20 0.57 2.68 4.98
C ILE D 20 0.54 1.77 6.22
N ASN D 21 1.56 1.88 7.07
CA ASN D 21 1.61 1.04 8.27
C ASN D 21 0.52 1.39 9.26
N LEU D 22 0.10 2.66 9.30
CA LEU D 22 -0.96 3.06 10.22
C LEU D 22 -2.31 2.49 9.77
N MET D 23 -2.56 2.47 8.46
CA MET D 23 -3.80 1.91 7.96
C MET D 23 -3.85 0.39 8.09
N LEU D 24 -2.69 -0.27 8.16
CA LEU D 24 -2.68 -1.71 8.35
C LEU D 24 -3.01 -2.09 9.79
N SER D 25 -2.54 -1.30 10.77
CA SER D 25 -2.87 -1.58 12.15
C SER D 25 -4.35 -1.34 12.42
N THR D 26 -4.92 -0.29 11.82
CA THR D 26 -6.36 -0.09 11.92
C THR D 26 -7.13 -1.14 11.14
N TYR D 27 -6.54 -1.68 10.07
CA TYR D 27 -7.15 -2.79 9.35
C TYR D 27 -7.08 -4.09 10.14
N ALA D 28 -6.13 -4.20 11.08
CA ALA D 28 -6.05 -5.38 11.92
C ALA D 28 -7.02 -5.29 13.09
N LYS D 29 -7.17 -4.11 13.68
CA LYS D 29 -8.14 -3.92 14.76
C LYS D 29 -9.57 -4.15 14.26
N LEU D 30 -9.84 -3.79 13.00
CA LEU D 30 -11.16 -4.03 12.44
C LEU D 30 -11.45 -5.52 12.31
N LEU D 31 -10.41 -6.35 12.19
CA LEU D 31 -10.61 -7.79 12.12
C LEU D 31 -10.68 -8.40 13.52
N SER D 32 -9.81 -7.99 14.43
CA SER D 32 -9.84 -8.53 15.79
C SER D 32 -11.15 -8.22 16.50
N GLU D 33 -11.73 -7.06 16.24
CA GLU D 33 -13.03 -6.74 16.84
C GLU D 33 -14.13 -7.60 16.24
N ARG D 34 -14.18 -7.70 14.91
CA ARG D 34 -15.18 -8.53 14.26
C ARG D 34 -14.97 -10.02 14.56
N ALA D 35 -13.76 -10.44 14.89
CA ALA D 35 -13.52 -11.80 15.36
C ALA D 35 -13.89 -11.97 16.82
N ALA D 36 -13.93 -10.88 17.59
CA ALA D 36 -14.36 -10.96 18.97
C ALA D 36 -15.88 -10.91 19.10
N VAL D 37 -16.56 -10.28 18.13
CA VAL D 37 -18.02 -10.27 18.14
C VAL D 37 -18.55 -11.68 17.94
N ASP D 38 -17.97 -12.44 17.01
CA ASP D 38 -18.37 -13.83 16.82
C ASP D 38 -17.99 -14.69 18.03
N ALA D 39 -16.94 -14.31 18.75
CA ALA D 39 -16.59 -15.03 19.97
C ALA D 39 -17.60 -14.77 21.07
N SER D 40 -18.30 -13.63 21.01
CA SER D 40 -19.33 -13.35 22.01
C SER D 40 -20.62 -14.10 21.71
N TYR D 41 -20.98 -14.22 20.43
CA TYR D 41 -22.18 -14.98 20.07
C TYR D 41 -22.00 -16.46 20.33
N ILE D 42 -20.77 -16.97 20.24
CA ILE D 42 -20.51 -18.35 20.64
C ILE D 42 -20.72 -18.49 22.15
N ASP D 43 -20.40 -17.46 22.92
CA ASP D 43 -20.66 -17.50 24.36
C ASP D 43 -22.15 -17.45 24.66
N GLU D 44 -22.93 -16.75 23.84
CA GLU D 44 -24.38 -16.73 24.02
C GLU D 44 -25.02 -18.07 23.66
N ILE D 45 -24.38 -18.85 22.79
CA ILE D 45 -24.87 -20.19 22.50
C ILE D 45 -24.68 -21.09 23.71
N ASP D 46 -23.55 -20.94 24.40
CA ASP D 46 -23.32 -21.72 25.63
C ASP D 46 -24.30 -21.34 26.72
N GLU D 47 -24.71 -20.08 26.78
CA GLU D 47 -25.69 -19.67 27.78
C GLU D 47 -27.02 -20.36 27.55
N LEU D 48 -27.46 -20.44 26.29
CA LEU D 48 -28.66 -21.22 25.98
C LEU D 48 -28.42 -22.71 26.22
N PHE D 49 -27.20 -23.17 26.01
CA PHE D 49 -26.89 -24.59 26.22
C PHE D 49 -26.84 -24.94 27.70
N LYS D 50 -26.66 -23.96 28.58
CA LYS D 50 -26.72 -24.20 30.02
C LYS D 50 -28.13 -24.11 30.57
N GLU D 51 -28.97 -23.25 30.00
CA GLU D 51 -30.35 -23.16 30.46
C GLU D 51 -31.14 -24.41 30.10
N ALA D 52 -30.86 -24.99 28.92
CA ALA D 52 -31.45 -26.27 28.57
C ALA D 52 -30.89 -27.40 29.43
N ASN D 53 -29.71 -27.23 30.01
CA ASN D 53 -29.14 -28.24 30.89
C ASN D 53 -29.90 -28.31 32.21
N ALA D 54 -30.25 -27.16 32.78
CA ALA D 54 -30.97 -27.16 34.06
C ALA D 54 -32.38 -27.69 33.90
N ILE D 55 -33.02 -27.46 32.74
CA ILE D 55 -34.36 -27.97 32.52
C ILE D 55 -34.35 -29.49 32.42
N GLU D 56 -33.32 -30.05 31.77
CA GLU D 56 -33.22 -31.51 31.68
C GLU D 56 -33.02 -32.14 33.05
N ASN D 57 -32.14 -31.55 33.87
CA ASN D 57 -31.90 -32.08 35.20
C ASN D 57 -33.15 -32.00 36.08
N PHE D 58 -34.03 -31.04 35.80
CA PHE D 58 -35.29 -30.96 36.52
C PHE D 58 -36.23 -32.08 36.11
N LEU D 59 -36.28 -32.40 34.81
CA LEU D 59 -37.17 -33.45 34.34
C LEU D 59 -36.65 -34.84 34.72
N ILE D 60 -35.32 -35.02 34.76
CA ILE D 60 -34.77 -36.31 35.13
C ILE D 60 -35.00 -36.59 36.61
N GLN D 61 -34.69 -35.62 37.48
CA GLN D 61 -34.85 -35.82 38.91
C GLN D 61 -36.32 -35.85 39.34
N LYS D 62 -37.25 -35.48 38.46
CA LYS D 62 -38.67 -35.62 38.77
C LYS D 62 -39.24 -36.95 38.29
N ARG D 63 -38.70 -37.50 37.20
CA ARG D 63 -39.15 -38.78 36.67
C ARG D 63 -38.88 -39.91 37.67
#